data_2XYK
#
_entry.id   2XYK
#
_cell.length_a   53.180
_cell.length_b   44.491
_cell.length_c   57.580
_cell.angle_alpha   90.00
_cell.angle_beta   112.16
_cell.angle_gamma   90.00
#
_symmetry.space_group_name_H-M   'P 1 21 1'
#
loop_
_entity.id
_entity.type
_entity.pdbx_description
1 polymer '2-ON-2 HEMOGLOBIN'
2 non-polymer 'PROTOPORPHYRIN IX CONTAINING FE'
3 water water
#
_entity_poly.entity_id   1
_entity_poly.type   'polypeptide(L)'
_entity_poly.pdbx_seq_one_letter_code
;MSSETVTLYEAIGGDATVRALTRRFYELMDTLPEAARCRAIHPADLSGSEAKFYDYLTGYLGGPPVYVEKHGHPMLRRRH
FVAPIGPAERDEWLLCFRRAMDETIENAKLREIIWAPVERLAFHMQNQEADNP
;
_entity_poly.pdbx_strand_id   A,B
#
# COMPACT_ATOMS: atom_id res chain seq x y z
N MET A 1 -4.25 10.88 -10.57
CA MET A 1 -4.77 12.19 -11.07
C MET A 1 -3.90 12.86 -12.15
N SER A 2 -4.57 13.46 -13.15
CA SER A 2 -3.93 14.51 -13.93
C SER A 2 -4.84 15.68 -14.27
N SER A 3 -4.86 16.66 -13.37
CA SER A 3 -4.72 18.09 -13.71
C SER A 3 -4.43 19.01 -12.52
N GLU A 4 -5.33 19.18 -11.54
CA GLU A 4 -4.91 19.94 -10.33
C GLU A 4 -3.97 19.17 -9.40
N THR A 5 -4.31 17.96 -8.98
CA THR A 5 -3.24 17.07 -8.46
C THR A 5 -2.63 16.24 -9.60
N VAL A 6 -1.47 15.65 -9.33
CA VAL A 6 -0.81 14.75 -10.29
C VAL A 6 -0.35 13.48 -9.54
N THR A 7 -0.11 12.38 -10.26
CA THR A 7 0.45 11.15 -9.63
C THR A 7 1.93 11.28 -9.31
N LEU A 8 2.45 10.41 -8.44
CA LEU A 8 3.89 10.32 -8.27
C LEU A 8 4.61 10.06 -9.61
N TYR A 9 4.02 9.18 -10.43
CA TYR A 9 4.59 8.84 -11.75
C TYR A 9 4.77 10.10 -12.57
N GLU A 10 3.69 10.88 -12.69
CA GLU A 10 3.75 12.17 -13.38
C GLU A 10 4.81 13.07 -12.77
N ALA A 11 4.74 13.20 -11.45
CA ALA A 11 5.61 14.10 -10.67
C ALA A 11 7.13 13.89 -10.86
N ILE A 12 7.57 12.64 -10.98
CA ILE A 12 9.01 12.32 -11.09
C ILE A 12 9.51 12.27 -12.54
N GLY A 13 8.60 12.34 -13.51
CA GLY A 13 8.98 12.37 -14.92
C GLY A 13 8.62 11.10 -15.67
N GLY A 14 7.78 10.27 -15.06
CA GLY A 14 7.17 9.15 -15.77
C GLY A 14 8.17 8.13 -16.27
N ASP A 15 7.93 7.63 -17.48
CA ASP A 15 8.63 6.44 -18.01
C ASP A 15 10.16 6.59 -18.08
N ALA A 16 10.65 7.68 -18.68
CA ALA A 16 12.07 7.91 -18.72
C ALA A 16 12.74 7.87 -17.31
N THR A 17 12.01 8.31 -16.27
CA THR A 17 12.55 8.25 -14.92
C THR A 17 12.53 6.86 -14.33
N VAL A 18 11.44 6.11 -14.51
CA VAL A 18 11.36 4.75 -13.94
C VAL A 18 12.36 3.84 -14.67
N ARG A 19 12.49 4.02 -15.98
CA ARG A 19 13.53 3.36 -16.77
C ARG A 19 14.93 3.62 -16.18
N ALA A 20 15.25 4.88 -15.86
CA ALA A 20 16.59 5.23 -15.34
C ALA A 20 16.76 4.70 -13.91
N LEU A 21 15.69 4.82 -13.12
CA LEU A 21 15.72 4.33 -11.75
C LEU A 21 16.05 2.85 -11.72
N THR A 22 15.30 2.04 -12.46
CA THR A 22 15.40 0.60 -12.38
C THR A 22 16.75 0.13 -12.99
N ARG A 23 17.19 0.78 -14.07
CA ARG A 23 18.49 0.50 -14.69
C ARG A 23 19.61 0.76 -13.73
N ARG A 24 19.59 1.93 -13.08
CA ARG A 24 20.66 2.30 -12.16
C ARG A 24 20.68 1.37 -10.92
N PHE A 25 19.50 0.94 -10.45
CA PHE A 25 19.39 0.01 -9.31
C PHE A 25 20.12 -1.31 -9.52
N TYR A 26 19.85 -1.99 -10.65
CA TYR A 26 20.48 -3.28 -10.96
C TYR A 26 21.97 -3.10 -11.30
N GLU A 27 22.32 -1.97 -11.92
CA GLU A 27 23.73 -1.60 -12.17
C GLU A 27 24.52 -1.50 -10.86
N LEU A 28 24.03 -0.68 -9.92
CA LEU A 28 24.66 -0.60 -8.59
C LEU A 28 24.72 -1.99 -7.91
N MET A 29 23.67 -2.79 -8.09
CA MET A 29 23.60 -4.11 -7.45
C MET A 29 24.66 -5.04 -8.03
N ASP A 30 24.93 -4.87 -9.32
CA ASP A 30 25.89 -5.67 -10.05
C ASP A 30 27.35 -5.21 -9.91
N THR A 31 27.55 -3.95 -9.50
CA THR A 31 28.89 -3.33 -9.55
C THR A 31 29.46 -2.93 -8.20
N LEU A 32 28.59 -2.68 -7.21
CA LEU A 32 29.06 -2.36 -5.87
C LEU A 32 29.43 -3.62 -5.10
N PRO A 33 30.69 -3.68 -4.59
CA PRO A 33 31.10 -4.80 -3.73
C PRO A 33 30.25 -4.91 -2.43
N GLU A 34 29.78 -3.78 -1.91
CA GLU A 34 28.94 -3.78 -0.72
C GLU A 34 27.54 -4.39 -0.95
N ALA A 35 27.16 -4.63 -2.20
CA ALA A 35 25.84 -5.17 -2.52
C ALA A 35 25.93 -6.63 -2.95
N ALA A 36 27.08 -7.24 -2.70
CA ALA A 36 27.38 -8.62 -3.11
C ALA A 36 26.39 -9.70 -2.59
N ARG A 37 25.99 -9.58 -1.33
CA ARG A 37 24.96 -10.50 -0.78
C ARG A 37 23.64 -10.40 -1.54
N CYS A 38 23.13 -9.18 -1.74
CA CYS A 38 21.88 -8.98 -2.48
C CYS A 38 22.06 -9.46 -3.94
N ARG A 39 23.22 -9.19 -4.52
CA ARG A 39 23.51 -9.66 -5.87
C ARG A 39 23.53 -11.21 -5.98
N ALA A 40 24.05 -11.87 -4.95
CA ALA A 40 24.22 -13.33 -4.94
C ALA A 40 22.93 -14.11 -5.11
N ILE A 41 21.81 -13.55 -4.65
CA ILE A 41 20.53 -14.25 -4.65
C ILE A 41 19.69 -13.94 -5.88
N HIS A 42 20.12 -12.97 -6.66
CA HIS A 42 19.42 -12.60 -7.89
C HIS A 42 19.95 -13.53 -9.00
N PRO A 43 19.14 -13.67 -10.08
CA PRO A 43 19.55 -14.49 -11.24
C PRO A 43 20.88 -13.99 -11.86
N ALA A 44 21.66 -14.92 -12.45
CA ALA A 44 22.93 -14.57 -13.05
C ALA A 44 22.73 -13.54 -14.18
N ASP A 45 21.61 -13.66 -14.90
CA ASP A 45 21.22 -12.62 -15.86
C ASP A 45 20.13 -11.77 -15.22
N LEU A 46 20.47 -10.50 -14.97
CA LEU A 46 19.55 -9.53 -14.36
C LEU A 46 18.45 -8.95 -15.28
N SER A 47 18.45 -9.31 -16.56
CA SER A 47 17.53 -8.73 -17.55
C SER A 47 16.04 -8.89 -17.22
N GLY A 48 15.66 -10.11 -16.82
CA GLY A 48 14.27 -10.41 -16.48
C GLY A 48 13.85 -9.77 -15.17
N SER A 49 14.80 -9.64 -14.21
CA SER A 49 14.50 -8.98 -12.92
C SER A 49 14.21 -7.51 -13.15
N GLU A 50 15.02 -6.88 -14.00
CA GLU A 50 14.85 -5.47 -14.34
C GLU A 50 13.53 -5.22 -15.03
N ALA A 51 13.18 -6.04 -16.03
CA ALA A 51 11.89 -5.91 -16.71
C ALA A 51 10.73 -5.91 -15.72
N LYS A 52 10.74 -6.89 -14.79
CA LYS A 52 9.65 -7.03 -13.82
C LYS A 52 9.57 -5.86 -12.83
N PHE A 53 10.72 -5.42 -12.32
CA PHE A 53 10.75 -4.31 -11.34
C PHE A 53 10.32 -3.01 -11.99
N TYR A 54 10.77 -2.78 -13.22
CA TYR A 54 10.37 -1.62 -13.98
C TYR A 54 8.85 -1.60 -14.16
N ASP A 55 8.25 -2.75 -14.56
CA ASP A 55 6.79 -2.86 -14.70
C ASP A 55 6.09 -2.68 -13.35
N TYR A 56 6.65 -3.29 -12.30
CA TYR A 56 6.09 -3.16 -10.96
C TYR A 56 6.11 -1.69 -10.54
N LEU A 57 7.22 -1.01 -10.74
CA LEU A 57 7.33 0.39 -10.29
C LEU A 57 6.46 1.35 -11.11
N THR A 58 6.35 1.08 -12.41
CA THR A 58 5.50 1.82 -13.29
C THR A 58 4.07 1.88 -12.71
N GLY A 59 3.46 0.72 -12.41
CA GLY A 59 2.11 0.63 -11.82
C GLY A 59 2.06 1.21 -10.39
N TYR A 60 2.97 0.73 -9.53
CA TYR A 60 3.07 1.20 -8.14
C TYR A 60 3.08 2.77 -7.96
N LEU A 61 3.71 3.47 -8.90
CA LEU A 61 3.85 4.94 -8.81
C LEU A 61 2.70 5.72 -9.45
N GLY A 62 1.72 5.02 -9.97
CA GLY A 62 0.55 5.68 -10.49
C GLY A 62 0.53 5.70 -11.99
N GLY A 63 1.56 5.11 -12.62
CA GLY A 63 1.55 4.87 -14.07
C GLY A 63 0.59 3.73 -14.46
N PRO A 64 0.62 3.34 -15.73
CA PRO A 64 -0.17 2.19 -16.20
C PRO A 64 0.14 0.87 -15.43
N PRO A 65 -0.91 0.11 -15.04
CA PRO A 65 -0.82 -1.13 -14.24
C PRO A 65 -0.25 -2.34 -15.02
N VAL A 66 0.97 -2.18 -15.55
CA VAL A 66 1.61 -3.14 -16.46
C VAL A 66 2.06 -4.44 -15.78
N TYR A 67 2.49 -4.34 -14.52
CA TYR A 67 2.93 -5.52 -13.80
C TYR A 67 1.72 -6.43 -13.55
N VAL A 68 0.65 -5.85 -13.03
CA VAL A 68 -0.54 -6.66 -12.76
C VAL A 68 -1.12 -7.29 -14.04
N GLU A 69 -1.21 -6.51 -15.12
CA GLU A 69 -1.62 -7.01 -16.44
C GLU A 69 -0.90 -8.30 -16.85
N LYS A 70 0.41 -8.37 -16.60
CA LYS A 70 1.22 -9.53 -17.00
C LYS A 70 1.22 -10.68 -15.99
N HIS A 71 1.39 -10.34 -14.72
CA HIS A 71 1.68 -11.34 -13.69
C HIS A 71 0.55 -11.50 -12.68
N GLY A 72 -0.46 -10.62 -12.71
CA GLY A 72 -1.58 -10.72 -11.77
C GLY A 72 -1.18 -10.14 -10.41
N HIS A 73 -1.80 -10.62 -9.31
CA HIS A 73 -1.55 -10.05 -7.98
C HIS A 73 -0.10 -10.09 -7.53
N PRO A 74 0.48 -8.92 -7.13
CA PRO A 74 1.90 -8.95 -6.75
C PRO A 74 2.28 -10.02 -5.74
N MET A 75 1.56 -10.12 -4.61
CA MET A 75 1.88 -11.12 -3.59
C MET A 75 3.39 -11.15 -3.26
N LEU A 76 3.99 -9.97 -3.05
CA LEU A 76 5.46 -9.91 -2.96
C LEU A 76 6.12 -10.76 -1.87
N ARG A 77 5.57 -10.77 -0.66
CA ARG A 77 6.18 -11.57 0.39
C ARG A 77 6.30 -13.07 -0.01
N ARG A 78 5.23 -13.62 -0.58
CA ARG A 78 5.25 -14.95 -1.16
C ARG A 78 6.28 -15.10 -2.30
N ARG A 79 6.34 -14.13 -3.23
CA ARG A 79 7.22 -14.21 -4.40
C ARG A 79 8.67 -14.16 -3.94
N HIS A 80 8.92 -13.45 -2.84
CA HIS A 80 10.26 -13.28 -2.30
C HIS A 80 10.69 -14.41 -1.40
N PHE A 81 9.71 -15.20 -0.96
CA PHE A 81 9.98 -16.36 -0.12
C PHE A 81 10.94 -17.39 -0.78
N VAL A 82 11.06 -17.37 -2.12
CA VAL A 82 11.96 -18.32 -2.84
C VAL A 82 13.44 -17.96 -2.72
N ALA A 83 13.73 -16.72 -2.29
CA ALA A 83 15.10 -16.29 -2.06
C ALA A 83 15.35 -16.26 -0.56
N PRO A 84 16.56 -16.58 -0.12
CA PRO A 84 16.92 -16.43 1.29
C PRO A 84 17.36 -14.98 1.59
N ILE A 85 16.46 -14.25 2.22
CA ILE A 85 16.65 -12.84 2.47
C ILE A 85 16.82 -12.59 3.96
N GLY A 86 18.07 -12.39 4.37
CA GLY A 86 18.38 -11.97 5.74
C GLY A 86 18.66 -10.47 5.80
N PRO A 87 19.12 -9.97 6.97
CA PRO A 87 19.36 -8.53 7.16
C PRO A 87 20.30 -7.98 6.08
N ALA A 88 21.30 -8.76 5.68
CA ALA A 88 22.30 -8.31 4.71
C ALA A 88 21.72 -8.09 3.31
N GLU A 89 20.92 -9.06 2.83
CA GLU A 89 20.31 -8.96 1.52
C GLU A 89 19.39 -7.77 1.54
N ARG A 90 18.66 -7.65 2.66
CA ARG A 90 17.74 -6.54 2.87
C ARG A 90 18.41 -5.16 2.84
N ASP A 91 19.46 -4.95 3.63
CA ASP A 91 20.07 -3.60 3.72
C ASP A 91 20.84 -3.23 2.45
N GLU A 92 21.36 -4.24 1.74
CA GLU A 92 22.08 -4.04 0.48
C GLU A 92 21.17 -3.72 -0.70
N TRP A 93 19.96 -4.28 -0.68
CA TRP A 93 18.87 -3.90 -1.60
C TRP A 93 18.51 -2.42 -1.34
N LEU A 94 18.31 -2.07 -0.08
CA LEU A 94 17.98 -0.70 0.31
C LEU A 94 19.11 0.28 -0.01
N LEU A 95 20.35 -0.16 0.16
CA LEU A 95 21.50 0.65 -0.25
C LEU A 95 21.40 1.07 -1.71
N CYS A 96 21.17 0.10 -2.59
CA CYS A 96 21.14 0.33 -4.05
C CYS A 96 19.90 1.13 -4.47
N PHE A 97 18.75 0.82 -3.88
CA PHE A 97 17.52 1.55 -4.22
C PHE A 97 17.61 3.02 -3.79
N ARG A 98 18.18 3.29 -2.61
CA ARG A 98 18.37 4.67 -2.14
C ARG A 98 19.24 5.46 -3.08
N ARG A 99 20.41 4.90 -3.42
CA ARG A 99 21.36 5.57 -4.31
C ARG A 99 20.82 5.73 -5.73
N ALA A 100 20.10 4.71 -6.22
CA ALA A 100 19.48 4.81 -7.53
C ALA A 100 18.44 5.94 -7.57
N MET A 101 17.65 6.06 -6.51
CA MET A 101 16.65 7.17 -6.37
C MET A 101 17.32 8.53 -6.32
N ASP A 102 18.32 8.64 -5.46
CA ASP A 102 19.04 9.92 -5.25
C ASP A 102 19.61 10.40 -6.57
N GLU A 103 20.08 9.45 -7.41
CA GLU A 103 20.71 9.81 -8.67
C GLU A 103 19.74 10.09 -9.83
N THR A 104 18.48 9.66 -9.73
CA THR A 104 17.56 9.70 -10.89
C THR A 104 16.29 10.52 -10.62
N ILE A 105 16.03 10.85 -9.35
CA ILE A 105 14.88 11.67 -8.99
C ILE A 105 15.33 12.96 -8.29
N GLU A 106 15.22 14.06 -9.01
CA GLU A 106 15.75 15.35 -8.56
C GLU A 106 15.02 15.89 -7.32
N ASN A 107 13.69 15.74 -7.28
CA ASN A 107 12.86 16.34 -6.21
C ASN A 107 12.95 15.59 -4.85
N ALA A 108 13.54 16.24 -3.84
CA ALA A 108 13.70 15.62 -2.51
C ALA A 108 12.39 15.21 -1.86
N LYS A 109 11.35 16.01 -2.01
CA LYS A 109 10.05 15.66 -1.40
C LYS A 109 9.43 14.41 -2.02
N LEU A 110 9.58 14.24 -3.33
CA LEU A 110 9.12 13.04 -4.02
C LEU A 110 9.94 11.82 -3.60
N ARG A 111 11.25 11.98 -3.41
CA ARG A 111 12.07 10.87 -2.89
C ARG A 111 11.65 10.43 -1.48
N GLU A 112 11.35 11.39 -0.61
CA GLU A 112 10.84 11.08 0.74
C GLU A 112 9.48 10.40 0.72
N ILE A 113 8.56 10.88 -0.12
CA ILE A 113 7.28 10.21 -0.30
C ILE A 113 7.44 8.73 -0.75
N ILE A 114 8.38 8.46 -1.65
CA ILE A 114 8.53 7.09 -2.18
C ILE A 114 9.23 6.16 -1.19
N TRP A 115 10.25 6.70 -0.53
CA TRP A 115 11.20 5.93 0.27
C TRP A 115 10.60 5.27 1.50
N ALA A 116 9.87 6.03 2.31
CA ALA A 116 9.36 5.46 3.57
C ALA A 116 8.56 4.13 3.35
N PRO A 117 7.56 4.11 2.44
CA PRO A 117 6.82 2.86 2.18
C PRO A 117 7.62 1.73 1.53
N VAL A 118 8.59 2.07 0.68
CA VAL A 118 9.42 1.05 0.05
C VAL A 118 10.32 0.42 1.14
N GLU A 119 10.88 1.25 2.03
CA GLU A 119 11.74 0.71 3.04
C GLU A 119 10.93 -0.19 3.97
N ARG A 120 9.68 0.20 4.29
CA ARG A 120 8.75 -0.68 5.00
C ARG A 120 8.54 -2.02 4.27
N LEU A 121 8.32 -2.00 2.96
CA LEU A 121 8.12 -3.23 2.17
C LEU A 121 9.36 -4.13 2.25
N ALA A 122 10.55 -3.52 2.17
CA ALA A 122 11.81 -4.28 2.16
C ALA A 122 11.98 -5.05 3.47
N PHE A 123 11.67 -4.41 4.59
CA PHE A 123 11.76 -5.09 5.90
C PHE A 123 10.74 -6.23 5.98
N HIS A 124 9.58 -6.00 5.40
CA HIS A 124 8.57 -7.02 5.27
C HIS A 124 8.92 -8.20 4.33
N MET A 125 9.86 -8.02 3.39
CA MET A 125 10.25 -9.13 2.48
C MET A 125 11.26 -10.04 3.14
N GLN A 126 11.95 -9.51 4.15
CA GLN A 126 12.99 -10.30 4.83
C GLN A 126 12.35 -11.57 5.40
N ASN A 127 12.98 -12.72 5.14
CA ASN A 127 12.38 -14.00 5.50
C ASN A 127 13.30 -14.91 6.31
N GLN A 128 14.42 -14.32 6.75
CA GLN A 128 15.47 -15.04 7.47
C GLN A 128 16.09 -14.17 8.56
N GLU A 129 16.33 -14.80 9.71
CA GLU A 129 17.40 -14.45 10.66
C GLU A 129 16.97 -13.31 11.58
N MET B 1 7.13 3.94 17.02
CA MET B 1 7.37 2.53 17.48
C MET B 1 7.75 2.39 18.98
N SER B 2 8.58 3.30 19.50
CA SER B 2 8.88 3.35 20.96
C SER B 2 9.74 4.56 21.44
N SER B 3 9.91 5.57 20.58
CA SER B 3 10.40 6.89 21.02
C SER B 3 9.26 7.59 21.77
N GLU B 4 9.21 8.92 21.71
CA GLU B 4 8.05 9.65 22.24
C GLU B 4 6.78 9.46 21.40
N THR B 5 6.92 9.02 20.15
CA THR B 5 5.78 8.76 19.25
C THR B 5 5.53 7.26 19.08
N VAL B 6 4.26 6.91 18.85
CA VAL B 6 3.84 5.57 18.47
C VAL B 6 2.94 5.68 17.24
N THR B 7 2.83 4.58 16.49
CA THR B 7 1.84 4.46 15.42
C THR B 7 0.38 4.43 15.98
N LEU B 8 -0.60 4.80 15.16
CA LEU B 8 -1.99 4.56 15.53
C LEU B 8 -2.24 3.06 15.73
N TYR B 9 -1.53 2.21 14.98
CA TYR B 9 -1.63 0.76 15.12
C TYR B 9 -1.30 0.25 16.53
N GLU B 10 -0.10 0.57 17.02
CA GLU B 10 0.27 0.40 18.44
C GLU B 10 -0.70 1.07 19.45
N ALA B 11 -1.02 2.34 19.21
CA ALA B 11 -1.87 3.12 20.12
C ALA B 11 -3.27 2.55 20.37
N ILE B 12 -3.87 1.89 19.37
CA ILE B 12 -5.24 1.37 19.48
C ILE B 12 -5.29 -0.08 19.94
N GLY B 13 -4.14 -0.75 19.96
CA GLY B 13 -4.11 -2.13 20.45
C GLY B 13 -3.74 -3.13 19.37
N GLY B 14 -3.34 -2.64 18.22
CA GLY B 14 -2.77 -3.49 17.15
C GLY B 14 -3.73 -4.48 16.52
N ASP B 15 -3.21 -5.67 16.20
CA ASP B 15 -3.91 -6.66 15.38
C ASP B 15 -5.33 -7.02 15.87
N ALA B 16 -5.45 -7.33 17.15
CA ALA B 16 -6.76 -7.74 17.71
C ALA B 16 -7.81 -6.62 17.60
N THR B 17 -7.36 -5.39 17.72
CA THR B 17 -8.26 -4.26 17.62
C THR B 17 -8.73 -4.11 16.16
N VAL B 18 -7.76 -4.18 15.25
CA VAL B 18 -8.04 -4.02 13.82
C VAL B 18 -8.95 -5.14 13.29
N ARG B 19 -8.73 -6.38 13.74
CA ARG B 19 -9.61 -7.50 13.43
C ARG B 19 -11.02 -7.17 13.88
N ALA B 20 -11.17 -6.73 15.13
CA ALA B 20 -12.49 -6.46 15.71
C ALA B 20 -13.23 -5.33 15.01
N LEU B 21 -12.47 -4.28 14.65
CA LEU B 21 -13.09 -3.11 14.03
C LEU B 21 -13.61 -3.47 12.65
N THR B 22 -12.79 -4.17 11.87
CA THR B 22 -13.11 -4.47 10.48
C THR B 22 -14.29 -5.47 10.41
N ARG B 23 -14.22 -6.48 11.27
CA ARG B 23 -15.34 -7.41 11.46
C ARG B 23 -16.67 -6.73 11.83
N ARG B 24 -16.64 -5.83 12.82
CA ARG B 24 -17.87 -5.13 13.27
C ARG B 24 -18.41 -4.19 12.17
N PHE B 25 -17.51 -3.54 11.43
CA PHE B 25 -17.86 -2.69 10.29
C PHE B 25 -18.77 -3.43 9.31
N TYR B 26 -18.35 -4.64 8.88
CA TYR B 26 -19.08 -5.42 7.83
C TYR B 26 -20.33 -6.04 8.38
N GLU B 27 -20.24 -6.48 9.62
CA GLU B 27 -21.41 -6.93 10.40
C GLU B 27 -22.52 -5.86 10.45
N LEU B 28 -22.14 -4.61 10.77
CA LEU B 28 -23.09 -3.51 10.79
C LEU B 28 -23.64 -3.23 9.37
N MET B 29 -22.73 -3.20 8.39
CA MET B 29 -23.14 -2.95 7.00
C MET B 29 -24.13 -4.02 6.54
N ASP B 30 -24.00 -5.24 7.07
CA ASP B 30 -24.85 -6.37 6.69
C ASP B 30 -26.15 -6.37 7.49
N THR B 31 -26.21 -5.65 8.60
CA THR B 31 -27.37 -5.79 9.49
C THR B 31 -28.20 -4.51 9.65
N LEU B 32 -27.60 -3.33 9.51
CA LEU B 32 -28.38 -2.09 9.54
C LEU B 32 -29.15 -1.88 8.24
N PRO B 33 -30.51 -1.91 8.30
CA PRO B 33 -31.35 -1.61 7.15
C PRO B 33 -31.05 -0.24 6.54
N GLU B 34 -30.58 0.72 7.35
CA GLU B 34 -30.27 2.05 6.86
C GLU B 34 -28.96 2.10 6.07
N ALA B 35 -28.22 0.99 6.04
CA ALA B 35 -27.00 0.86 5.22
C ALA B 35 -27.19 0.06 3.91
N ALA B 36 -28.43 -0.08 3.43
CA ALA B 36 -28.78 -0.89 2.24
C ALA B 36 -28.14 -0.50 0.90
N ARG B 37 -27.97 0.80 0.69
CA ARG B 37 -27.29 1.31 -0.53
C ARG B 37 -25.80 0.90 -0.61
N CYS B 38 -25.07 1.10 0.48
CA CYS B 38 -23.69 0.61 0.58
C CYS B 38 -23.65 -0.95 0.53
N ARG B 39 -24.55 -1.60 1.27
CA ARG B 39 -24.53 -3.06 1.33
C ARG B 39 -24.79 -3.65 -0.07
N ALA B 40 -25.69 -3.01 -0.83
CA ALA B 40 -26.18 -3.56 -2.10
C ALA B 40 -25.10 -3.72 -3.17
N ILE B 41 -24.06 -2.89 -3.08
CA ILE B 41 -22.96 -2.88 -4.03
C ILE B 41 -21.75 -3.76 -3.63
N HIS B 42 -21.79 -4.31 -2.41
CA HIS B 42 -20.73 -5.20 -1.94
C HIS B 42 -21.14 -6.62 -2.29
N PRO B 43 -20.15 -7.51 -2.41
CA PRO B 43 -20.46 -8.90 -2.77
C PRO B 43 -21.46 -9.54 -1.79
N ALA B 44 -22.19 -10.54 -2.27
CA ALA B 44 -23.14 -11.27 -1.44
C ALA B 44 -22.46 -11.85 -0.20
N ASP B 45 -21.27 -12.45 -0.42
CA ASP B 45 -20.41 -12.92 0.70
C ASP B 45 -19.34 -11.87 0.97
N LEU B 46 -19.35 -11.33 2.21
CA LEU B 46 -18.49 -10.21 2.58
C LEU B 46 -17.10 -10.61 3.01
N SER B 47 -16.82 -11.92 3.10
CA SER B 47 -15.61 -12.31 3.81
C SER B 47 -14.30 -11.92 3.08
N GLY B 48 -14.32 -11.92 1.74
CA GLY B 48 -13.18 -11.39 0.97
C GLY B 48 -12.99 -9.86 1.10
N SER B 49 -14.10 -9.12 1.18
CA SER B 49 -14.01 -7.66 1.41
C SER B 49 -13.35 -7.36 2.75
N GLU B 50 -13.75 -8.11 3.75
CA GLU B 50 -13.27 -7.98 5.12
C GLU B 50 -11.78 -8.29 5.24
N ALA B 51 -11.31 -9.39 4.62
CA ALA B 51 -9.89 -9.73 4.61
C ALA B 51 -9.02 -8.61 4.02
N LYS B 52 -9.43 -8.07 2.89
CA LYS B 52 -8.73 -6.93 2.26
C LYS B 52 -8.78 -5.63 3.09
N PHE B 53 -9.93 -5.30 3.67
CA PHE B 53 -10.01 -4.11 4.51
C PHE B 53 -9.16 -4.28 5.76
N TYR B 54 -9.18 -5.48 6.33
CA TYR B 54 -8.37 -5.82 7.50
C TYR B 54 -6.88 -5.61 7.15
N ASP B 55 -6.47 -6.14 6.00
CA ASP B 55 -5.09 -5.98 5.52
C ASP B 55 -4.79 -4.49 5.26
N TYR B 56 -5.75 -3.79 4.68
CA TYR B 56 -5.54 -2.38 4.36
C TYR B 56 -5.35 -1.51 5.60
N LEU B 57 -6.26 -1.61 6.57
CA LEU B 57 -6.10 -0.85 7.82
C LEU B 57 -4.85 -1.23 8.56
N THR B 58 -4.50 -2.52 8.59
CA THR B 58 -3.26 -2.97 9.21
C THR B 58 -2.09 -2.10 8.76
N GLY B 59 -1.88 -1.99 7.44
CA GLY B 59 -0.78 -1.21 6.91
C GLY B 59 -0.95 0.29 7.07
N TYR B 60 -2.17 0.77 6.76
CA TYR B 60 -2.49 2.21 6.81
C TYR B 60 -2.21 2.85 8.18
N LEU B 61 -2.56 2.10 9.22
CA LEU B 61 -2.44 2.57 10.59
C LEU B 61 -0.98 2.50 11.09
N GLY B 62 -0.11 1.83 10.36
CA GLY B 62 1.32 1.79 10.69
C GLY B 62 1.79 0.43 11.16
N GLY B 63 0.92 -0.59 11.10
CA GLY B 63 1.36 -1.99 11.15
C GLY B 63 2.09 -2.44 9.87
N PRO B 64 2.40 -3.75 9.77
CA PRO B 64 3.04 -4.37 8.59
C PRO B 64 2.26 -4.05 7.31
N PRO B 65 2.95 -3.81 6.18
CA PRO B 65 2.27 -3.43 4.95
C PRO B 65 1.68 -4.65 4.25
N VAL B 66 0.74 -5.33 4.89
CA VAL B 66 0.16 -6.58 4.39
C VAL B 66 -0.69 -6.35 3.12
N TYR B 67 -1.51 -5.31 3.11
CA TYR B 67 -2.29 -5.02 1.89
C TYR B 67 -1.37 -4.65 0.68
N VAL B 68 -0.43 -3.76 0.89
CA VAL B 68 0.42 -3.30 -0.19
C VAL B 68 1.31 -4.41 -0.78
N GLU B 69 1.95 -5.24 0.05
CA GLU B 69 2.78 -6.35 -0.46
C GLU B 69 1.97 -7.32 -1.36
N LYS B 70 0.71 -7.58 -0.96
CA LYS B 70 -0.18 -8.51 -1.65
C LYS B 70 -0.76 -7.93 -2.95
N HIS B 71 -1.18 -6.67 -2.90
CA HIS B 71 -2.02 -6.09 -3.98
C HIS B 71 -1.36 -4.92 -4.74
N GLY B 72 -0.26 -4.43 -4.20
CA GLY B 72 0.41 -3.24 -4.75
C GLY B 72 -0.11 -1.97 -4.10
N HIS B 73 0.26 -0.82 -4.65
CA HIS B 73 -0.23 0.44 -4.13
C HIS B 73 -1.76 0.41 -3.99
N PRO B 74 -2.33 0.93 -2.87
CA PRO B 74 -3.80 0.88 -2.75
C PRO B 74 -4.54 1.54 -3.91
N MET B 75 -4.11 2.72 -4.34
CA MET B 75 -4.73 3.38 -5.50
C MET B 75 -6.27 3.43 -5.36
N LEU B 76 -6.71 3.94 -4.21
CA LEU B 76 -8.06 3.61 -3.79
C LEU B 76 -9.15 4.15 -4.69
N ARG B 77 -9.05 5.42 -5.08
CA ARG B 77 -10.12 5.99 -5.88
C ARG B 77 -10.36 5.14 -7.10
N ARG B 78 -9.25 4.79 -7.78
CA ARG B 78 -9.30 4.01 -9.03
C ARG B 78 -9.89 2.60 -8.82
N ARG B 79 -9.51 1.93 -7.73
CA ARG B 79 -10.08 0.62 -7.40
C ARG B 79 -11.60 0.72 -7.17
N HIS B 80 -12.03 1.83 -6.58
CA HIS B 80 -13.45 2.06 -6.33
C HIS B 80 -14.31 2.41 -7.54
N PHE B 81 -13.68 2.71 -8.69
CA PHE B 81 -14.43 2.85 -9.97
C PHE B 81 -15.27 1.62 -10.36
N VAL B 82 -14.99 0.47 -9.75
CA VAL B 82 -15.70 -0.76 -10.12
C VAL B 82 -17.08 -0.84 -9.44
N ALA B 83 -17.37 0.11 -8.54
CA ALA B 83 -18.68 0.18 -7.91
C ALA B 83 -19.37 1.53 -8.14
N PRO B 84 -20.70 1.52 -8.25
CA PRO B 84 -21.36 2.82 -8.44
C PRO B 84 -21.55 3.54 -7.09
N ILE B 85 -20.67 4.48 -6.76
CA ILE B 85 -20.72 5.10 -5.44
C ILE B 85 -21.30 6.52 -5.45
N GLY B 86 -22.57 6.66 -5.06
CA GLY B 86 -23.21 7.99 -4.92
C GLY B 86 -23.13 8.47 -3.47
N PRO B 87 -23.82 9.59 -3.16
CA PRO B 87 -23.88 10.15 -1.77
C PRO B 87 -24.40 9.17 -0.72
N ALA B 88 -25.40 8.37 -1.06
CA ALA B 88 -26.01 7.42 -0.11
C ALA B 88 -25.00 6.31 0.26
N GLU B 89 -24.39 5.71 -0.76
CA GLU B 89 -23.38 4.65 -0.55
C GLU B 89 -22.26 5.19 0.33
N ARG B 90 -21.85 6.43 0.05
CA ARG B 90 -20.78 7.12 0.78
C ARG B 90 -21.12 7.40 2.26
N ASP B 91 -22.27 8.05 2.53
CA ASP B 91 -22.69 8.32 3.91
C ASP B 91 -22.97 7.07 4.73
N GLU B 92 -23.42 6.02 4.05
CA GLU B 92 -23.74 4.76 4.73
C GLU B 92 -22.51 3.96 5.13
N TRP B 93 -21.50 3.96 4.26
CA TRP B 93 -20.18 3.41 4.57
C TRP B 93 -19.67 4.13 5.86
N LEU B 94 -19.73 5.47 5.85
CA LEU B 94 -19.23 6.30 6.98
C LEU B 94 -19.97 6.06 8.27
N LEU B 95 -21.28 5.84 8.13
CA LEU B 95 -22.18 5.53 9.23
C LEU B 95 -21.72 4.22 9.92
N CYS B 96 -21.50 3.17 9.14
CA CYS B 96 -21.04 1.91 9.69
C CYS B 96 -19.63 2.07 10.26
N PHE B 97 -18.78 2.81 9.57
CA PHE B 97 -17.39 2.91 10.00
C PHE B 97 -17.30 3.69 11.33
N ARG B 98 -18.06 4.78 11.39
CA ARG B 98 -18.13 5.61 12.59
C ARG B 98 -18.59 4.81 13.80
N ARG B 99 -19.71 4.08 13.68
CA ARG B 99 -20.19 3.26 14.82
C ARG B 99 -19.16 2.20 15.21
N ALA B 100 -18.63 1.47 14.22
CA ALA B 100 -17.66 0.41 14.51
C ALA B 100 -16.44 0.93 15.30
N MET B 101 -15.96 2.10 14.88
CA MET B 101 -14.80 2.80 15.47
C MET B 101 -15.11 3.33 16.88
N ASP B 102 -16.27 3.97 17.03
CA ASP B 102 -16.72 4.46 18.32
C ASP B 102 -16.83 3.33 19.37
N GLU B 103 -17.36 2.16 18.97
CA GLU B 103 -17.48 1.04 19.89
C GLU B 103 -16.12 0.39 20.24
N THR B 104 -15.26 0.27 19.22
CA THR B 104 -14.01 -0.47 19.33
C THR B 104 -12.90 0.33 19.98
N ILE B 105 -12.77 1.62 19.62
CA ILE B 105 -11.65 2.46 20.09
C ILE B 105 -12.08 3.44 21.21
N GLU B 106 -11.65 3.12 22.43
CA GLU B 106 -11.90 3.84 23.69
C GLU B 106 -11.53 5.33 23.71
N ASN B 107 -10.35 5.62 23.17
CA ASN B 107 -9.69 6.90 23.25
C ASN B 107 -10.26 7.88 22.20
N ALA B 108 -10.95 8.94 22.67
CA ALA B 108 -11.62 9.90 21.77
C ALA B 108 -10.65 10.60 20.82
N LYS B 109 -9.46 10.96 21.33
CA LYS B 109 -8.46 11.70 20.55
C LYS B 109 -7.98 10.84 19.38
N LEU B 110 -7.73 9.56 19.64
CA LEU B 110 -7.32 8.62 18.59
C LEU B 110 -8.42 8.38 17.58
N ARG B 111 -9.67 8.30 18.05
CA ARG B 111 -10.80 8.21 17.14
C ARG B 111 -10.89 9.37 16.16
N GLU B 112 -10.80 10.59 16.67
CA GLU B 112 -10.87 11.79 15.82
C GLU B 112 -9.69 11.87 14.84
N ILE B 113 -8.51 11.44 15.29
CA ILE B 113 -7.32 11.46 14.43
C ILE B 113 -7.44 10.47 13.22
N ILE B 114 -7.98 9.28 13.47
CA ILE B 114 -8.25 8.30 12.40
C ILE B 114 -9.39 8.76 11.51
N TRP B 115 -10.44 9.27 12.15
CA TRP B 115 -11.69 9.61 11.47
C TRP B 115 -11.51 10.63 10.37
N ALA B 116 -10.89 11.78 10.67
CA ALA B 116 -10.87 12.89 9.71
C ALA B 116 -10.26 12.52 8.34
N PRO B 117 -9.05 11.89 8.32
CA PRO B 117 -8.53 11.42 7.02
C PRO B 117 -9.40 10.36 6.35
N VAL B 118 -10.00 9.44 7.12
CA VAL B 118 -10.84 8.37 6.55
C VAL B 118 -12.09 8.98 5.91
N GLU B 119 -12.71 9.94 6.59
CA GLU B 119 -13.87 10.66 6.01
C GLU B 119 -13.51 11.38 4.71
N ARG B 120 -12.34 12.02 4.68
CA ARG B 120 -11.83 12.68 3.49
C ARG B 120 -11.68 11.68 2.35
N LEU B 121 -11.17 10.49 2.65
CA LEU B 121 -10.99 9.46 1.63
C LEU B 121 -12.33 8.99 1.11
N ALA B 122 -13.29 8.77 2.01
CA ALA B 122 -14.63 8.31 1.59
C ALA B 122 -15.20 9.27 0.57
N PHE B 123 -15.11 10.56 0.85
CA PHE B 123 -15.62 11.61 -0.06
C PHE B 123 -14.87 11.61 -1.38
N HIS B 124 -13.58 11.28 -1.30
CA HIS B 124 -12.72 11.11 -2.47
C HIS B 124 -12.99 9.82 -3.30
N MET B 125 -13.62 8.80 -2.69
CA MET B 125 -14.00 7.54 -3.36
C MET B 125 -15.27 7.68 -4.24
N GLN B 126 -16.10 8.67 -3.89
CA GLN B 126 -17.36 8.89 -4.60
C GLN B 126 -17.09 9.17 -6.08
N ASN B 127 -17.86 8.49 -6.92
CA ASN B 127 -17.60 8.51 -8.35
C ASN B 127 -18.86 8.72 -9.20
N GLN B 128 -19.96 9.09 -8.54
CA GLN B 128 -21.15 9.60 -9.23
C GLN B 128 -21.93 10.61 -8.37
N GLU B 129 -22.77 11.42 -9.03
CA GLU B 129 -23.45 12.52 -8.32
C GLU B 129 -24.79 12.15 -7.69
N ALA B 130 -25.54 11.23 -8.32
CA ALA B 130 -26.86 10.87 -7.82
C ALA B 130 -26.92 9.39 -7.46
#